data_3GMT
#
_entry.id   3GMT
#
_cell.length_a   62.230
_cell.length_b   66.000
_cell.length_c   63.760
_cell.angle_alpha   90.00
_cell.angle_beta   113.69
_cell.angle_gamma   90.00
#
_symmetry.space_group_name_H-M   'P 1 21 1'
#
loop_
_entity.id
_entity.type
_entity.pdbx_description
1 polymer 'Adenylate kinase'
2 non-polymer 'SULFATE ION'
3 water water
#
_entity_poly.entity_id   1
_entity_poly.type   'polypeptide(L)'
_entity_poly.pdbx_seq_one_letter_code
;(MSE)AHHHHHH(MSE)RLILLGAPGAGKGTQANFIKEKFGIPQISTGD(MSE)LRAAVKAGTPLGVEAKTY(MSE)DEG
KLVPDSLIIGLVKERLKEADCANGYLFDGFPRTIAQADA(MSE)KEAGVAIDYVLEIDVPFSEIIER(MSE)SGRRTHPA
SGRTYHVKFNPPKVEGKDDVTGEPLVQRDDDKEETVKKRLDVYEAQTKPLITYYGDWARRGAENGLKAPAYRKISGLGAV
EEIRARVRRAQVSE
;
_entity_poly.pdbx_strand_id   A,B
#
loop_
_chem_comp.id
_chem_comp.type
_chem_comp.name
_chem_comp.formula
SO4 non-polymer 'SULFATE ION' 'O4 S -2'
#
# COMPACT_ATOMS: atom_id res chain seq x y z
N MSE A 9 13.80 27.47 -5.51
CA MSE A 9 13.26 26.91 -4.24
C MSE A 9 12.98 25.42 -4.34
O MSE A 9 12.05 25.00 -5.01
CB MSE A 9 11.98 27.64 -3.83
CG MSE A 9 12.20 29.04 -3.32
SE MSE A 9 13.39 29.05 -1.78
CE MSE A 9 12.30 28.02 -0.52
N ARG A 10 13.77 24.62 -3.64
CA ARG A 10 13.51 23.20 -3.58
C ARG A 10 13.29 22.81 -2.10
N LEU A 11 12.01 22.52 -1.78
CA LEU A 11 11.48 22.46 -0.42
C LEU A 11 10.82 21.15 -0.03
N ILE A 12 11.10 20.74 1.20
CA ILE A 12 10.22 19.83 1.92
C ILE A 12 9.40 20.67 2.91
N LEU A 13 8.09 20.53 2.90
CA LEU A 13 7.24 21.18 3.94
C LEU A 13 6.59 20.20 4.93
N LEU A 14 6.89 20.37 6.21
CA LEU A 14 6.40 19.51 7.24
C LEU A 14 5.42 20.32 8.08
N GLY A 15 4.30 19.70 8.45
CA GLY A 15 3.30 20.33 9.34
C GLY A 15 2.36 19.33 9.98
N ALA A 16 2.16 19.49 11.28
CA ALA A 16 1.29 18.67 12.06
C ALA A 16 -0.16 18.84 11.58
N PRO A 17 -0.94 17.75 11.65
CA PRO A 17 -2.35 17.86 11.27
C PRO A 17 -3.03 18.92 12.13
N GLY A 18 -3.81 19.79 11.52
CA GLY A 18 -4.48 20.86 12.26
C GLY A 18 -3.61 22.10 12.34
N ALA A 19 -2.36 22.01 11.86
CA ALA A 19 -1.44 23.16 11.90
C ALA A 19 -1.65 24.10 10.69
N GLY A 20 -2.46 23.67 9.73
CA GLY A 20 -2.85 24.54 8.61
C GLY A 20 -1.86 24.50 7.46
N LYS A 21 -1.14 23.38 7.35
CA LYS A 21 -0.20 23.16 6.24
C LYS A 21 -0.77 23.39 4.82
N GLY A 22 -1.94 22.84 4.54
CA GLY A 22 -2.60 23.00 3.22
C GLY A 22 -2.64 24.43 2.68
N THR A 23 -3.08 25.36 3.50
CA THR A 23 -3.12 26.76 3.09
C THR A 23 -1.71 27.37 2.98
N GLN A 24 -0.79 26.97 3.84
CA GLN A 24 0.58 27.46 3.75
C GLN A 24 1.29 26.93 2.50
N ALA A 25 1.17 25.64 2.26
CA ALA A 25 1.56 25.07 0.99
C ALA A 25 1.11 25.94 -0.19
N ASN A 26 -0.16 26.35 -0.17
CA ASN A 26 -0.76 27.12 -1.27
C ASN A 26 -0.13 28.48 -1.37
N PHE A 27 0.18 29.04 -0.21
CA PHE A 27 0.77 30.35 -0.20
C PHE A 27 2.16 30.31 -0.81
N ILE A 28 2.94 29.31 -0.40
CA ILE A 28 4.32 29.16 -0.84
C ILE A 28 4.38 28.82 -2.33
N LYS A 29 3.57 27.88 -2.78
CA LYS A 29 3.59 27.49 -4.20
C LYS A 29 3.22 28.66 -5.13
N GLU A 30 2.25 29.48 -4.70
CA GLU A 30 1.82 30.65 -5.45
C GLU A 30 2.96 31.65 -5.59
N LYS A 31 3.56 31.98 -4.44
CA LYS A 31 4.63 32.99 -4.36
C LYS A 31 5.85 32.72 -5.23
N PHE A 32 6.29 31.47 -5.32
CA PHE A 32 7.43 31.12 -6.16
C PHE A 32 7.03 30.42 -7.46
N GLY A 33 5.74 30.29 -7.73
CA GLY A 33 5.27 29.55 -8.91
C GLY A 33 5.88 28.16 -9.06
N ILE A 34 5.91 27.40 -7.96
CA ILE A 34 6.47 26.03 -7.93
C ILE A 34 5.34 25.09 -7.59
N PRO A 35 5.37 23.89 -8.14
CA PRO A 35 4.24 22.98 -7.91
C PRO A 35 4.32 22.28 -6.58
N GLN A 36 3.13 21.99 -6.06
CA GLN A 36 2.97 21.21 -4.85
C GLN A 36 2.96 19.75 -5.24
N ILE A 37 3.91 19.00 -4.69
CA ILE A 37 4.13 17.60 -4.99
C ILE A 37 3.74 16.76 -3.80
N SER A 38 2.70 15.93 -3.95
CA SER A 38 2.38 14.91 -2.94
C SER A 38 2.24 13.53 -3.57
N THR A 39 2.46 12.47 -2.77
CA THR A 39 2.51 11.11 -3.31
C THR A 39 1.14 10.67 -3.85
N GLY A 40 0.09 10.99 -3.11
CA GLY A 40 -1.28 10.78 -3.56
C GLY A 40 -1.58 11.27 -4.95
N ASP A 41 -1.28 12.54 -5.23
CA ASP A 41 -1.44 13.15 -6.55
C ASP A 41 -0.52 12.55 -7.58
N MSE A 42 0.73 12.28 -7.21
CA MSE A 42 1.64 11.63 -8.14
C MSE A 42 1.13 10.25 -8.57
O MSE A 42 1.26 9.91 -9.72
CB MSE A 42 3.03 11.43 -7.54
CG MSE A 42 4.07 12.38 -8.05
SE MSE A 42 5.78 12.02 -7.18
CE MSE A 42 5.60 10.18 -6.52
N LEU A 43 0.63 9.46 -7.64
CA LEU A 43 0.14 8.10 -7.94
C LEU A 43 -1.05 8.16 -8.86
N ARG A 44 -1.98 9.05 -8.54
CA ARG A 44 -3.20 9.12 -9.29
C ARG A 44 -2.92 9.57 -10.72
N ALA A 45 -2.05 10.57 -10.88
CA ALA A 45 -1.69 11.10 -12.20
C ALA A 45 -0.96 10.01 -13.00
N ALA A 46 0.00 9.37 -12.36
CA ALA A 46 0.76 8.31 -13.02
C ALA A 46 -0.13 7.16 -13.40
N VAL A 47 -1.04 6.75 -12.52
CA VAL A 47 -1.97 5.66 -12.80
C VAL A 47 -2.85 6.09 -14.00
N LYS A 48 -3.52 7.23 -13.88
CA LYS A 48 -4.35 7.77 -14.99
C LYS A 48 -3.62 7.88 -16.32
N ALA A 49 -2.41 8.38 -16.32
CA ALA A 49 -1.62 8.50 -17.56
C ALA A 49 -1.06 7.18 -18.10
N GLY A 50 -1.39 6.04 -17.49
CA GLY A 50 -0.80 4.77 -17.89
C GLY A 50 0.71 4.76 -17.99
N THR A 51 1.42 5.49 -17.15
CA THR A 51 2.86 5.44 -17.22
C THR A 51 3.38 4.06 -16.74
N PRO A 52 4.60 3.68 -17.13
CA PRO A 52 5.04 2.36 -16.68
C PRO A 52 5.11 2.21 -15.15
N LEU A 53 5.58 3.22 -14.45
CA LEU A 53 5.60 3.17 -12.99
C LEU A 53 4.19 3.21 -12.42
N GLY A 54 3.30 3.91 -13.09
CA GLY A 54 1.91 3.96 -12.69
C GLY A 54 1.20 2.62 -12.78
N VAL A 55 1.47 1.87 -13.84
CA VAL A 55 0.84 0.56 -14.02
C VAL A 55 1.40 -0.33 -12.93
N GLU A 56 2.70 -0.24 -12.72
CA GLU A 56 3.32 -1.07 -11.71
C GLU A 56 2.72 -0.73 -10.32
N ALA A 57 2.56 0.56 -10.02
CA ALA A 57 2.06 1.02 -8.70
C ALA A 57 0.67 0.54 -8.51
N LYS A 58 -0.11 0.57 -9.58
CA LYS A 58 -1.49 0.09 -9.52
C LYS A 58 -1.61 -1.39 -9.16
N THR A 59 -0.61 -2.19 -9.51
CA THR A 59 -0.68 -3.59 -9.16
C THR A 59 -0.68 -3.73 -7.64
N TYR A 60 0.04 -2.85 -6.94
CA TYR A 60 -0.02 -2.86 -5.49
C TYR A 60 -1.32 -2.31 -4.93
N MSE A 61 -1.76 -1.17 -5.45
CA MSE A 61 -2.98 -0.50 -4.99
C MSE A 61 -4.26 -1.34 -5.18
O MSE A 61 -5.15 -1.35 -4.29
CB MSE A 61 -3.12 0.88 -5.67
CG MSE A 61 -2.01 1.86 -5.33
SE MSE A 61 -1.98 3.32 -6.65
CE MSE A 61 -0.62 2.88 -7.88
N ASP A 62 -4.36 -2.04 -6.30
CA ASP A 62 -5.47 -3.00 -6.56
C ASP A 62 -5.60 -4.05 -5.47
N GLU A 63 -4.48 -4.40 -4.87
CA GLU A 63 -4.45 -5.42 -3.85
C GLU A 63 -4.46 -4.84 -2.41
N GLY A 64 -4.72 -3.55 -2.23
CA GLY A 64 -4.63 -2.95 -0.90
C GLY A 64 -3.26 -3.09 -0.25
N LYS A 65 -2.21 -3.14 -1.06
CA LYS A 65 -0.85 -3.33 -0.58
C LYS A 65 -0.09 -2.01 -0.63
N LEU A 66 0.89 -1.84 0.26
CA LEU A 66 1.79 -0.68 0.29
C LEU A 66 2.55 -0.59 -1.03
N VAL A 67 2.52 0.59 -1.68
CA VAL A 67 3.37 0.81 -2.84
C VAL A 67 4.76 1.01 -2.30
N PRO A 68 5.73 0.21 -2.74
CA PRO A 68 7.07 0.29 -2.16
C PRO A 68 7.82 1.58 -2.41
N ASP A 69 8.68 1.94 -1.44
CA ASP A 69 9.57 3.12 -1.59
C ASP A 69 10.27 3.22 -2.91
N SER A 70 10.84 2.11 -3.39
CA SER A 70 11.55 2.11 -4.68
C SER A 70 10.66 2.68 -5.78
N LEU A 71 9.38 2.34 -5.74
CA LEU A 71 8.48 2.84 -6.79
C LEU A 71 8.13 4.32 -6.58
N ILE A 72 7.84 4.71 -5.34
CA ILE A 72 7.45 6.12 -5.06
C ILE A 72 8.57 7.04 -5.51
N ILE A 73 9.80 6.63 -5.16
CA ILE A 73 10.96 7.41 -5.53
C ILE A 73 11.12 7.44 -7.04
N GLY A 74 10.83 6.33 -7.71
CA GLY A 74 10.87 6.34 -9.17
C GLY A 74 9.87 7.35 -9.73
N LEU A 75 8.67 7.41 -9.14
CA LEU A 75 7.67 8.37 -9.59
C LEU A 75 8.15 9.77 -9.33
N VAL A 76 8.84 9.95 -8.21
CA VAL A 76 9.43 11.25 -7.89
C VAL A 76 10.40 11.69 -8.97
N LYS A 77 11.36 10.85 -9.33
CA LYS A 77 12.36 11.28 -10.34
C LYS A 77 11.72 11.69 -11.67
N GLU A 78 10.67 10.97 -12.09
CA GLU A 78 9.96 11.33 -13.34
C GLU A 78 9.19 12.58 -13.15
N ARG A 79 8.51 12.69 -12.01
CA ARG A 79 7.77 13.90 -11.72
C ARG A 79 8.63 15.15 -11.82
N LEU A 80 9.84 15.10 -11.24
CA LEU A 80 10.74 16.27 -11.23
C LEU A 80 11.34 16.60 -12.60
N LYS A 81 11.22 15.69 -13.56
CA LYS A 81 11.65 15.99 -14.91
C LYS A 81 10.66 16.89 -15.67
N GLU A 82 9.43 17.03 -15.18
CA GLU A 82 8.42 17.76 -15.95
C GLU A 82 8.73 19.25 -15.98
N ALA A 83 8.27 19.91 -17.04
CA ALA A 83 8.45 21.35 -17.25
C ALA A 83 8.20 22.24 -16.02
N ASP A 84 7.11 21.96 -15.29
CA ASP A 84 6.68 22.83 -14.19
C ASP A 84 7.61 22.88 -12.98
N CYS A 85 8.60 21.99 -12.93
CA CYS A 85 9.56 21.95 -11.84
C CYS A 85 10.86 22.71 -12.19
N ALA A 86 10.81 23.55 -13.21
CA ALA A 86 12.00 24.22 -13.70
C ALA A 86 12.50 25.31 -12.72
N ASN A 87 11.56 25.90 -11.97
CA ASN A 87 11.86 26.94 -10.99
C ASN A 87 12.02 26.36 -9.59
N GLY A 88 11.80 25.05 -9.45
CA GLY A 88 11.84 24.40 -8.15
C GLY A 88 10.60 23.59 -7.84
N TYR A 89 10.38 23.26 -6.56
CA TYR A 89 9.30 22.36 -6.15
C TYR A 89 9.10 22.27 -4.65
N LEU A 90 7.88 21.93 -4.24
CA LEU A 90 7.49 21.80 -2.85
C LEU A 90 6.95 20.40 -2.52
N PHE A 91 7.73 19.60 -1.79
CA PHE A 91 7.22 18.35 -1.29
C PHE A 91 6.31 18.61 -0.09
N ASP A 92 5.08 18.14 -0.22
CA ASP A 92 4.08 18.26 0.85
C ASP A 92 3.82 16.89 1.45
N GLY A 93 4.24 16.70 2.70
CA GLY A 93 4.01 15.45 3.40
C GLY A 93 4.79 14.29 2.85
N PHE A 94 5.96 14.60 2.30
CA PHE A 94 6.89 13.59 1.80
C PHE A 94 8.25 14.20 1.85
N PRO A 95 9.27 13.44 2.28
CA PRO A 95 9.31 12.08 2.75
C PRO A 95 8.58 11.95 4.07
N ARG A 96 8.16 10.73 4.37
CA ARG A 96 7.61 10.40 5.64
C ARG A 96 8.55 9.60 6.51
N THR A 97 9.54 8.94 5.92
CA THR A 97 10.46 8.07 6.65
C THR A 97 11.93 8.38 6.33
N ILE A 98 12.86 7.99 7.20
CA ILE A 98 14.27 8.27 6.96
C ILE A 98 14.79 7.46 5.75
N ALA A 99 14.23 6.29 5.49
CA ALA A 99 14.60 5.53 4.30
C ALA A 99 14.15 6.26 3.03
N GLN A 100 13.01 6.92 3.09
CA GLN A 100 12.52 7.69 1.94
C GLN A 100 13.42 8.88 1.75
N ALA A 101 13.77 9.56 2.86
CA ALA A 101 14.67 10.69 2.80
C ALA A 101 15.99 10.27 2.14
N ASP A 102 16.46 9.12 2.58
CA ASP A 102 17.76 8.64 2.13
C ASP A 102 17.69 8.12 0.67
N ALA A 103 16.56 7.50 0.29
CA ALA A 103 16.32 7.16 -1.13
C ALA A 103 16.33 8.42 -1.99
N MSE A 104 15.65 9.49 -1.54
CA MSE A 104 15.68 10.76 -2.31
C MSE A 104 17.12 11.26 -2.48
O MSE A 104 17.50 11.67 -3.56
CB MSE A 104 14.84 11.85 -1.65
CG MSE A 104 13.35 11.73 -1.89
SE MSE A 104 12.34 12.82 -0.57
CE MSE A 104 12.63 14.59 -1.33
N LYS A 105 17.90 11.25 -1.40
CA LYS A 105 19.32 11.64 -1.49
C LYS A 105 20.06 10.77 -2.52
N GLU A 106 19.99 9.46 -2.34
CA GLU A 106 20.66 8.52 -3.25
C GLU A 106 20.19 8.63 -4.69
N ALA A 107 18.94 9.06 -4.91
CA ALA A 107 18.39 9.29 -6.25
C ALA A 107 18.74 10.66 -6.78
N GLY A 108 19.44 11.46 -5.99
CA GLY A 108 19.89 12.77 -6.44
C GLY A 108 18.82 13.85 -6.40
N VAL A 109 17.84 13.73 -5.53
CA VAL A 109 16.80 14.78 -5.48
C VAL A 109 17.31 15.88 -4.53
N ALA A 110 17.58 17.05 -5.09
CA ALA A 110 18.14 18.20 -4.36
C ALA A 110 17.06 18.80 -3.48
N ILE A 111 17.40 19.10 -2.24
CA ILE A 111 16.51 19.84 -1.37
C ILE A 111 17.29 20.92 -0.59
N ASP A 112 16.85 22.17 -0.75
CA ASP A 112 17.46 23.35 -0.13
C ASP A 112 17.02 23.57 1.33
N TYR A 113 15.71 23.49 1.56
CA TYR A 113 15.16 23.66 2.92
C TYR A 113 14.15 22.59 3.31
N VAL A 114 14.27 22.17 4.56
CA VAL A 114 13.20 21.48 5.27
C VAL A 114 12.49 22.49 6.12
N LEU A 115 11.28 22.90 5.74
CA LEU A 115 10.51 23.86 6.54
C LEU A 115 9.49 23.14 7.41
N GLU A 116 9.57 23.30 8.72
CA GLU A 116 8.60 22.73 9.65
C GLU A 116 7.70 23.80 10.21
N ILE A 117 6.42 23.70 9.84
CA ILE A 117 5.42 24.65 10.25
C ILE A 117 5.34 24.65 11.76
N ASP A 118 5.44 25.84 12.33
CA ASP A 118 5.60 26.00 13.74
C ASP A 118 4.29 26.52 14.37
N VAL A 119 3.61 25.62 15.05
CA VAL A 119 2.34 25.92 15.75
C VAL A 119 2.26 24.90 16.91
N PRO A 120 2.35 25.38 18.16
CA PRO A 120 2.47 24.40 19.25
C PRO A 120 1.23 23.49 19.36
N PHE A 121 1.43 22.28 19.86
CA PHE A 121 0.41 21.24 19.91
C PHE A 121 -0.75 21.68 20.78
N SER A 122 -0.44 22.37 21.88
CA SER A 122 -1.44 22.83 22.83
C SER A 122 -2.40 23.83 22.17
N GLU A 123 -1.88 24.74 21.34
CA GLU A 123 -2.72 25.64 20.56
C GLU A 123 -3.64 24.92 19.56
N ILE A 124 -3.13 23.89 18.88
CA ILE A 124 -3.91 23.09 17.95
C ILE A 124 -5.05 22.38 18.68
N ILE A 125 -4.71 21.69 19.76
CA ILE A 125 -5.67 20.94 20.55
C ILE A 125 -6.74 21.88 21.07
N GLU A 126 -6.32 22.94 21.73
CA GLU A 126 -7.20 24.01 22.15
C GLU A 126 -8.07 24.46 20.97
N ARG A 127 -7.48 24.76 19.80
CA ARG A 127 -8.26 25.35 18.72
C ARG A 127 -9.40 24.40 18.32
N MSE A 128 -9.07 23.16 18.06
CA MSE A 128 -10.03 22.21 17.46
C MSE A 128 -11.07 21.65 18.45
O MSE A 128 -12.25 21.54 18.13
CB MSE A 128 -9.28 21.04 16.81
CG MSE A 128 -8.51 21.46 15.57
SE MSE A 128 -7.36 20.01 14.92
CE MSE A 128 -8.64 19.11 13.64
N SER A 129 -10.60 21.24 19.63
CA SER A 129 -11.42 20.45 20.54
C SER A 129 -12.48 21.28 21.30
N GLY A 130 -12.29 22.59 21.40
CA GLY A 130 -13.26 23.46 22.08
C GLY A 130 -14.39 23.83 21.13
N ARG A 131 -14.25 23.51 19.85
CA ARG A 131 -15.30 23.82 18.86
C ARG A 131 -16.63 23.10 19.07
N ARG A 132 -17.74 23.82 18.98
CA ARG A 132 -19.07 23.23 19.04
C ARG A 132 -19.94 23.79 17.93
N THR A 133 -20.91 23.04 17.48
CA THR A 133 -21.85 23.59 16.51
C THR A 133 -23.27 23.26 16.90
N HIS A 134 -24.19 24.07 16.38
CA HIS A 134 -25.62 23.75 16.41
C HIS A 134 -25.94 23.29 15.01
N PRO A 135 -26.16 21.97 14.83
CA PRO A 135 -26.25 21.50 13.43
C PRO A 135 -27.39 22.10 12.62
N ALA A 136 -28.60 22.25 13.16
CA ALA A 136 -29.69 22.72 12.31
C ALA A 136 -29.33 24.05 11.62
N SER A 137 -28.66 24.97 12.34
CA SER A 137 -28.37 26.32 11.81
C SER A 137 -26.98 26.48 11.21
N GLY A 138 -26.06 25.57 11.57
CA GLY A 138 -24.63 25.75 11.30
C GLY A 138 -23.86 26.67 12.26
N ARG A 139 -24.55 27.28 13.24
CA ARG A 139 -23.85 28.23 14.15
C ARG A 139 -22.74 27.53 14.89
N THR A 140 -21.61 28.19 15.04
CA THR A 140 -20.49 27.62 15.73
C THR A 140 -20.27 28.38 17.02
N TYR A 141 -19.52 27.75 17.91
CA TYR A 141 -19.21 28.27 19.22
C TYR A 141 -17.86 27.69 19.51
N HIS A 142 -17.21 28.20 20.53
CA HIS A 142 -16.00 27.59 21.01
C HIS A 142 -16.01 27.71 22.49
N VAL A 143 -15.72 26.61 23.17
CA VAL A 143 -15.87 26.52 24.61
C VAL A 143 -15.08 27.59 25.36
N LYS A 144 -14.10 28.15 24.67
CA LYS A 144 -13.12 29.04 25.24
C LYS A 144 -13.23 30.43 24.64
N PHE A 145 -13.17 30.49 23.31
CA PHE A 145 -13.05 31.75 22.57
C PHE A 145 -14.38 32.35 22.17
N ASN A 146 -15.43 31.55 22.17
CA ASN A 146 -16.74 32.03 21.75
C ASN A 146 -17.80 31.18 22.44
N PRO A 147 -17.84 31.23 23.77
CA PRO A 147 -18.69 30.30 24.49
C PRO A 147 -20.19 30.59 24.31
N PRO A 148 -21.01 29.53 24.33
CA PRO A 148 -22.44 29.77 24.40
C PRO A 148 -22.84 30.36 25.76
N LYS A 149 -23.96 31.07 25.82
CA LYS A 149 -24.33 31.72 27.09
C LYS A 149 -24.79 30.67 28.09
N VAL A 150 -25.36 29.56 27.62
CA VAL A 150 -25.70 28.43 28.45
C VAL A 150 -24.96 27.19 27.88
N GLU A 151 -24.15 26.57 28.73
CA GLU A 151 -23.24 25.50 28.32
C GLU A 151 -24.01 24.46 27.56
N GLY A 152 -23.52 24.06 26.39
CA GLY A 152 -24.11 22.92 25.64
C GLY A 152 -25.38 23.26 24.92
N LYS A 153 -25.74 24.55 24.87
CA LYS A 153 -26.94 25.01 24.16
C LYS A 153 -26.69 26.18 23.18
N ASP A 154 -27.40 26.12 22.08
CA ASP A 154 -27.40 27.17 21.08
C ASP A 154 -28.08 28.42 21.71
N ASP A 155 -27.48 29.60 21.54
CA ASP A 155 -27.98 30.85 22.12
C ASP A 155 -29.35 31.22 21.55
N VAL A 156 -29.55 30.94 20.28
CA VAL A 156 -30.79 31.33 19.61
C VAL A 156 -31.92 30.39 20.01
N THR A 157 -31.74 29.09 19.74
CA THR A 157 -32.82 28.10 19.89
C THR A 157 -32.90 27.41 21.22
N GLY A 158 -31.86 27.43 22.04
CA GLY A 158 -31.83 26.57 23.22
C GLY A 158 -31.53 25.11 22.92
N GLU A 159 -31.31 24.78 21.64
CA GLU A 159 -31.07 23.40 21.23
C GLU A 159 -29.67 22.87 21.52
N PRO A 160 -29.50 21.54 21.54
CA PRO A 160 -28.19 21.03 21.98
C PRO A 160 -27.05 21.32 21.06
N LEU A 161 -25.88 21.56 21.64
CA LEU A 161 -24.67 21.75 20.83
C LEU A 161 -23.95 20.43 20.80
N VAL A 162 -23.15 20.28 19.75
CA VAL A 162 -22.40 19.05 19.53
C VAL A 162 -20.96 19.34 19.25
N GLN A 163 -20.13 18.33 19.51
CA GLN A 163 -18.74 18.27 19.17
C GLN A 163 -18.49 17.08 18.22
N ARG A 164 -17.68 17.31 17.19
CA ARG A 164 -17.36 16.25 16.24
C ARG A 164 -16.46 15.26 16.94
N ASP A 165 -16.67 13.98 16.64
CA ASP A 165 -15.81 12.94 17.15
C ASP A 165 -14.32 13.23 16.78
N ASP A 166 -14.06 13.63 15.53
CA ASP A 166 -12.67 13.94 15.08
C ASP A 166 -11.98 15.01 15.89
N ASP A 167 -12.76 15.88 16.54
CA ASP A 167 -12.26 17.04 17.27
C ASP A 167 -12.01 16.78 18.75
N LYS A 168 -12.38 15.60 19.23
CA LYS A 168 -12.24 15.29 20.64
C LYS A 168 -10.77 15.37 21.04
N GLU A 169 -10.52 16.00 22.19
CA GLU A 169 -9.16 16.32 22.65
C GLU A 169 -8.20 15.16 22.49
N GLU A 170 -8.62 13.95 22.88
CA GLU A 170 -7.70 12.82 22.87
C GLU A 170 -7.54 12.22 21.47
N THR A 171 -8.52 12.42 20.60
CA THR A 171 -8.39 12.04 19.20
C THR A 171 -7.36 12.96 18.52
N VAL A 172 -7.46 14.27 18.76
CA VAL A 172 -6.53 15.25 18.22
C VAL A 172 -5.10 14.97 18.73
N LYS A 173 -4.96 14.81 20.04
CA LYS A 173 -3.67 14.48 20.66
C LYS A 173 -3.06 13.20 20.08
N LYS A 174 -3.88 12.21 19.78
CA LYS A 174 -3.36 10.97 19.21
C LYS A 174 -2.80 11.22 17.80
N ARG A 175 -3.48 12.05 17.01
CA ARG A 175 -2.96 12.44 15.69
C ARG A 175 -1.62 13.18 15.77
N LEU A 176 -1.46 14.03 16.79
CA LEU A 176 -0.24 14.83 16.90
C LEU A 176 0.93 13.92 17.29
N ASP A 177 0.68 13.02 18.26
CA ASP A 177 1.65 12.02 18.67
C ASP A 177 2.22 11.21 17.50
N VAL A 178 1.35 10.70 16.63
CA VAL A 178 1.79 9.94 15.47
C VAL A 178 2.66 10.81 14.54
N TYR A 179 2.20 12.02 14.30
CA TYR A 179 2.92 12.92 13.43
C TYR A 179 4.31 13.12 14.02
N GLU A 180 4.34 13.48 15.32
CA GLU A 180 5.57 13.72 16.06
C GLU A 180 6.61 12.60 15.90
N ALA A 181 6.16 11.35 15.99
CA ALA A 181 7.07 10.22 15.96
C ALA A 181 7.55 9.96 14.50
N GLN A 182 6.73 10.36 13.54
CA GLN A 182 7.11 10.31 12.15
C GLN A 182 8.15 11.40 11.86
N THR A 183 7.88 12.60 12.36
CA THR A 183 8.64 13.77 11.95
C THR A 183 10.01 13.87 12.61
N LYS A 184 10.11 13.50 13.89
CA LYS A 184 11.37 13.71 14.63
C LYS A 184 12.58 13.04 14.01
N PRO A 185 12.49 11.75 13.66
CA PRO A 185 13.55 11.11 12.90
C PRO A 185 13.94 11.84 11.60
N LEU A 186 12.97 12.46 10.91
CA LEU A 186 13.29 13.19 9.69
C LEU A 186 14.12 14.45 10.04
N ILE A 187 13.73 15.18 11.08
CA ILE A 187 14.49 16.39 11.47
C ILE A 187 15.91 15.99 11.89
N THR A 188 16.02 14.96 12.71
CA THR A 188 17.34 14.42 13.11
C THR A 188 18.18 13.98 11.91
N TYR A 189 17.59 13.17 11.05
CA TYR A 189 18.22 12.72 9.81
C TYR A 189 18.87 13.88 9.06
N TYR A 190 18.07 14.89 8.75
CA TYR A 190 18.61 16.03 8.00
C TYR A 190 19.61 16.91 8.79
N GLY A 191 19.38 17.10 10.07
CA GLY A 191 20.32 17.85 10.90
C GLY A 191 21.67 17.15 10.98
N ASP A 192 21.67 15.83 11.19
CA ASP A 192 22.93 15.08 11.28
C ASP A 192 23.70 15.18 9.99
N TRP A 193 23.02 14.90 8.87
CA TRP A 193 23.62 15.11 7.55
C TRP A 193 24.25 16.52 7.35
N ALA A 194 23.51 17.58 7.66
CA ALA A 194 24.04 18.95 7.50
C ALA A 194 25.35 19.20 8.32
N ARG A 195 25.53 18.50 9.45
CA ARG A 195 26.78 18.56 10.25
C ARG A 195 27.91 17.67 9.70
N ARG A 196 27.55 16.76 8.80
CA ARG A 196 28.52 15.84 8.23
C ARG A 196 29.06 16.42 6.95
N GLY A 197 28.24 17.20 6.23
CA GLY A 197 28.61 17.78 4.91
C GLY A 197 27.98 17.07 3.70
N ALA A 198 28.42 17.45 2.50
CA ALA A 198 27.85 16.97 1.23
C ALA A 198 27.93 15.47 1.01
N GLU A 199 26.81 14.85 0.59
CA GLU A 199 26.76 13.43 0.32
C GLU A 199 26.01 13.15 -1.01
N ASN A 200 26.41 12.07 -1.67
CA ASN A 200 25.96 11.79 -3.06
C ASN A 200 26.01 13.05 -3.93
N GLY A 201 26.97 13.93 -3.62
CA GLY A 201 27.11 15.19 -4.35
C GLY A 201 26.05 16.22 -4.03
N LEU A 202 25.27 15.97 -2.98
CA LEU A 202 24.21 16.88 -2.58
C LEU A 202 24.52 17.48 -1.22
N LYS A 203 24.15 18.74 -1.04
CA LYS A 203 24.19 19.37 0.28
C LYS A 203 22.92 19.05 1.06
N ALA A 204 23.07 18.83 2.36
CA ALA A 204 21.93 18.66 3.27
C ALA A 204 21.06 19.89 3.19
N PRO A 205 19.73 19.73 3.30
CA PRO A 205 18.91 20.94 3.32
C PRO A 205 19.06 21.71 4.64
N ALA A 206 18.84 23.02 4.58
CA ALA A 206 18.87 23.82 5.80
C ALA A 206 17.52 23.68 6.50
N TYR A 207 17.53 23.45 7.81
CA TYR A 207 16.29 23.37 8.61
C TYR A 207 15.73 24.73 9.06
N ARG A 208 14.47 25.02 8.77
CA ARG A 208 13.82 26.22 9.33
C ARG A 208 12.51 25.86 10.03
N LYS A 209 12.32 26.40 11.25
CA LYS A 209 10.98 26.45 11.89
C LYS A 209 10.34 27.73 11.38
N ILE A 210 9.27 27.61 10.61
CA ILE A 210 8.62 28.78 10.07
C ILE A 210 7.25 28.94 10.74
N SER A 211 7.00 30.12 11.30
CA SER A 211 5.73 30.41 12.00
C SER A 211 4.69 31.44 11.43
N GLY A 212 4.93 32.23 10.36
CA GLY A 212 6.07 32.17 9.43
C GLY A 212 5.60 32.14 7.98
N MSE B 9 -17.02 -27.38 0.15
CA MSE B 9 -15.57 -27.20 0.47
C MSE B 9 -15.15 -25.74 0.67
O MSE B 9 -15.44 -24.87 -0.15
CB MSE B 9 -14.70 -27.90 -0.58
CG MSE B 9 -14.08 -29.19 -0.04
SE MSE B 9 -12.44 -28.79 1.02
CE MSE B 9 -11.12 -29.31 -0.38
N ARG B 10 -14.46 -25.52 1.79
CA ARG B 10 -14.02 -24.19 2.22
C ARG B 10 -12.52 -24.31 2.37
N LEU B 11 -11.75 -23.62 1.54
CA LEU B 11 -10.32 -23.79 1.63
C LEU B 11 -9.42 -22.62 1.28
N ILE B 12 -8.21 -22.68 1.82
CA ILE B 12 -7.09 -21.83 1.47
C ILE B 12 -6.11 -22.58 0.57
N LEU B 13 -5.72 -21.99 -0.56
CA LEU B 13 -4.66 -22.54 -1.43
C LEU B 13 -3.40 -21.70 -1.28
N LEU B 14 -2.29 -22.34 -0.93
CA LEU B 14 -1.02 -21.67 -0.88
C LEU B 14 -0.09 -22.33 -1.90
N GLY B 15 0.78 -21.55 -2.52
CA GLY B 15 1.83 -22.10 -3.36
C GLY B 15 2.69 -21.03 -4.00
N ALA B 16 3.95 -21.38 -4.22
CA ALA B 16 4.94 -20.48 -4.81
C ALA B 16 4.50 -20.05 -6.21
N PRO B 17 4.85 -18.83 -6.66
CA PRO B 17 4.54 -18.45 -8.05
C PRO B 17 5.28 -19.36 -9.05
N GLY B 18 4.52 -19.91 -10.00
CA GLY B 18 5.05 -20.87 -10.98
C GLY B 18 4.98 -22.30 -10.49
N ALA B 19 4.51 -22.50 -9.25
CA ALA B 19 4.39 -23.87 -8.68
C ALA B 19 3.18 -24.65 -9.19
N GLY B 20 2.29 -23.99 -9.91
CA GLY B 20 1.14 -24.67 -10.49
C GLY B 20 -0.08 -24.65 -9.60
N LYS B 21 -0.27 -23.56 -8.86
CA LYS B 21 -1.46 -23.43 -8.04
C LYS B 21 -2.65 -23.05 -8.89
N GLY B 22 -2.40 -22.35 -10.01
CA GLY B 22 -3.46 -21.67 -10.77
C GLY B 22 -4.47 -22.64 -11.36
N THR B 23 -4.09 -23.92 -11.30
CA THR B 23 -4.73 -25.00 -12.01
C THR B 23 -4.93 -26.27 -11.11
N GLN B 24 -4.33 -26.31 -9.91
CA GLN B 24 -4.93 -27.07 -8.84
C GLN B 24 -6.23 -26.36 -8.50
N ALA B 25 -6.21 -25.02 -8.56
CA ALA B 25 -7.43 -24.21 -8.40
C ALA B 25 -8.47 -24.63 -9.42
N ASN B 26 -8.02 -24.92 -10.63
CA ASN B 26 -8.83 -25.51 -11.71
C ASN B 26 -9.56 -26.78 -11.24
N PHE B 27 -8.82 -27.82 -10.88
CA PHE B 27 -9.46 -29.02 -10.34
C PHE B 27 -10.47 -28.64 -9.27
N ILE B 28 -10.09 -27.71 -8.39
CA ILE B 28 -10.90 -27.39 -7.21
C ILE B 28 -12.20 -26.68 -7.56
N LYS B 29 -12.13 -25.67 -8.40
CA LYS B 29 -13.31 -24.92 -8.84
C LYS B 29 -14.30 -25.80 -9.64
N GLU B 30 -13.79 -26.78 -10.40
CA GLU B 30 -14.62 -27.75 -11.12
C GLU B 30 -15.25 -28.76 -10.15
N LYS B 31 -14.47 -29.69 -9.63
CA LYS B 31 -14.93 -30.68 -8.63
C LYS B 31 -16.07 -30.16 -7.72
N PHE B 32 -15.83 -29.03 -7.04
CA PHE B 32 -16.74 -28.54 -5.99
C PHE B 32 -17.69 -27.37 -6.39
N GLY B 33 -17.45 -26.75 -7.54
CA GLY B 33 -18.25 -25.60 -7.95
C GLY B 33 -18.27 -24.45 -6.94
N ILE B 34 -17.06 -23.99 -6.55
CA ILE B 34 -16.92 -22.88 -5.61
C ILE B 34 -16.12 -21.74 -6.25
N PRO B 35 -16.35 -20.48 -5.81
CA PRO B 35 -15.69 -19.31 -6.39
C PRO B 35 -14.30 -19.05 -5.78
N GLN B 36 -13.32 -18.69 -6.62
CA GLN B 36 -12.02 -18.22 -6.15
C GLN B 36 -12.20 -16.83 -5.51
N ILE B 37 -11.81 -16.69 -4.25
CA ILE B 37 -11.88 -15.40 -3.55
C ILE B 37 -10.48 -14.84 -3.26
N SER B 38 -10.26 -13.60 -3.72
CA SER B 38 -8.96 -12.96 -3.76
C SER B 38 -9.13 -11.48 -3.39
N THR B 39 -8.24 -10.96 -2.53
CA THR B 39 -8.40 -9.61 -1.97
C THR B 39 -8.63 -8.54 -3.01
N GLY B 40 -8.11 -8.71 -4.23
CA GLY B 40 -8.27 -7.73 -5.31
C GLY B 40 -9.62 -7.65 -6.00
N ASP B 41 -10.29 -8.79 -6.17
CA ASP B 41 -11.66 -8.81 -6.66
C ASP B 41 -12.57 -8.27 -5.53
N MSE B 42 -12.27 -8.68 -4.29
CA MSE B 42 -13.05 -8.31 -3.13
C MSE B 42 -13.07 -6.78 -2.95
O MSE B 42 -14.14 -6.17 -2.94
CB MSE B 42 -12.48 -8.98 -1.89
CG MSE B 42 -13.47 -9.31 -0.81
SE MSE B 42 -12.67 -10.44 0.59
CE MSE B 42 -13.08 -12.21 -0.10
N LEU B 43 -11.88 -6.19 -2.87
CA LEU B 43 -11.74 -4.75 -2.77
C LEU B 43 -12.43 -4.03 -3.90
N ARG B 44 -12.23 -4.51 -5.13
CA ARG B 44 -12.86 -3.90 -6.30
C ARG B 44 -14.38 -3.98 -6.26
N ALA B 45 -14.91 -5.13 -5.83
CA ALA B 45 -16.37 -5.29 -5.76
C ALA B 45 -16.91 -4.32 -4.69
N ALA B 46 -16.28 -4.33 -3.51
CA ALA B 46 -16.68 -3.44 -2.39
C ALA B 46 -16.64 -1.94 -2.74
N VAL B 47 -15.57 -1.50 -3.40
CA VAL B 47 -15.48 -0.14 -3.95
C VAL B 47 -16.58 0.12 -5.02
N LYS B 48 -16.70 -0.77 -6.01
CA LYS B 48 -17.75 -0.65 -7.02
C LYS B 48 -19.13 -0.54 -6.36
N ALA B 49 -19.44 -1.42 -5.42
CA ALA B 49 -20.71 -1.38 -4.68
C ALA B 49 -20.91 -0.16 -3.79
N GLY B 50 -19.84 0.56 -3.42
CA GLY B 50 -19.95 1.69 -2.54
C GLY B 50 -20.21 1.37 -1.09
N THR B 51 -19.85 0.16 -0.63
CA THR B 51 -20.14 -0.20 0.75
C THR B 51 -19.30 0.66 1.70
N PRO B 52 -19.67 0.70 2.98
CA PRO B 52 -18.93 1.51 3.92
C PRO B 52 -17.46 1.07 4.05
N LEU B 53 -17.23 -0.24 4.01
CA LEU B 53 -15.87 -0.74 4.15
C LEU B 53 -15.08 -0.49 2.86
N GLY B 54 -15.74 -0.59 1.73
CA GLY B 54 -15.10 -0.32 0.45
C GLY B 54 -14.63 1.10 0.32
N VAL B 55 -15.49 2.04 0.71
CA VAL B 55 -15.18 3.46 0.65
C VAL B 55 -13.97 3.75 1.51
N GLU B 56 -13.93 3.21 2.71
CA GLU B 56 -12.79 3.44 3.58
C GLU B 56 -11.51 2.75 3.04
N ALA B 57 -11.63 1.54 2.50
CA ALA B 57 -10.43 0.88 1.91
C ALA B 57 -9.82 1.77 0.82
N LYS B 58 -10.68 2.35 -0.01
CA LYS B 58 -10.21 3.20 -1.11
C LYS B 58 -9.42 4.40 -0.61
N THR B 59 -9.71 4.88 0.61
CA THR B 59 -8.88 5.96 1.19
C THR B 59 -7.44 5.57 1.36
N TYR B 60 -7.16 4.30 1.62
CA TYR B 60 -5.76 3.84 1.69
C TYR B 60 -5.17 3.54 0.30
N MSE B 61 -5.96 2.93 -0.57
CA MSE B 61 -5.48 2.54 -1.90
C MSE B 61 -5.12 3.74 -2.77
O MSE B 61 -4.11 3.71 -3.46
CB MSE B 61 -6.52 1.66 -2.60
CG MSE B 61 -6.74 0.38 -1.88
SE MSE B 61 -8.22 -0.58 -2.66
CE MSE B 61 -9.81 0.39 -2.34
N ASP B 62 -5.97 4.78 -2.73
CA ASP B 62 -5.65 6.05 -3.40
C ASP B 62 -4.29 6.61 -2.99
N GLU B 63 -3.85 6.31 -1.78
CA GLU B 63 -2.58 6.86 -1.29
C GLU B 63 -1.46 5.86 -1.42
N GLY B 64 -1.72 4.66 -1.96
CA GLY B 64 -0.69 3.60 -2.02
C GLY B 64 -0.30 3.08 -0.64
N LYS B 65 -1.26 3.13 0.27
CA LYS B 65 -1.05 2.63 1.62
C LYS B 65 -1.67 1.25 1.81
N LEU B 66 -1.14 0.54 2.81
CA LEU B 66 -1.63 -0.78 3.18
C LEU B 66 -3.02 -0.65 3.74
N VAL B 67 -3.96 -1.40 3.19
CA VAL B 67 -5.28 -1.49 3.74
C VAL B 67 -5.19 -2.35 5.00
N PRO B 68 -5.72 -1.86 6.16
CA PRO B 68 -5.57 -2.60 7.39
C PRO B 68 -6.32 -3.91 7.41
N ASP B 69 -5.81 -4.85 8.19
CA ASP B 69 -6.41 -6.18 8.36
C ASP B 69 -7.89 -6.16 8.74
N SER B 70 -8.24 -5.41 9.79
CA SER B 70 -9.63 -5.43 10.29
C SER B 70 -10.57 -5.03 9.18
N LEU B 71 -10.11 -4.11 8.35
CA LEU B 71 -10.87 -3.74 7.17
C LEU B 71 -10.98 -4.92 6.18
N ILE B 72 -9.87 -5.59 5.87
CA ILE B 72 -9.93 -6.76 4.95
C ILE B 72 -10.85 -7.85 5.46
N ILE B 73 -10.70 -8.15 6.74
CA ILE B 73 -11.47 -9.17 7.43
C ILE B 73 -12.93 -8.76 7.44
N GLY B 74 -13.19 -7.49 7.75
CA GLY B 74 -14.54 -6.90 7.57
C GLY B 74 -15.08 -7.25 6.22
N LEU B 75 -14.27 -6.97 5.19
CA LEU B 75 -14.68 -7.27 3.84
C LEU B 75 -14.87 -8.77 3.56
N VAL B 76 -14.08 -9.61 4.24
CA VAL B 76 -14.16 -11.05 3.96
C VAL B 76 -15.51 -11.56 4.42
N LYS B 77 -15.88 -11.22 5.62
CA LYS B 77 -17.19 -11.60 6.17
C LYS B 77 -18.30 -11.29 5.20
N GLU B 78 -18.34 -10.03 4.77
CA GLU B 78 -19.38 -9.59 3.87
C GLU B 78 -19.30 -10.36 2.56
N ARG B 79 -18.10 -10.71 2.08
CA ARG B 79 -17.97 -11.44 0.82
C ARG B 79 -18.61 -12.83 0.86
N LEU B 80 -18.57 -13.45 2.05
CA LEU B 80 -18.89 -14.89 2.21
C LEU B 80 -20.38 -15.21 2.29
N LYS B 81 -21.22 -14.18 2.32
CA LYS B 81 -22.67 -14.34 2.37
C LYS B 81 -23.32 -14.36 0.96
N GLU B 82 -22.56 -14.01 -0.07
CA GLU B 82 -23.12 -13.89 -1.41
C GLU B 82 -23.49 -15.25 -2.02
N ALA B 83 -24.57 -15.29 -2.79
CA ALA B 83 -25.12 -16.52 -3.38
C ALA B 83 -24.05 -17.49 -3.91
N ASP B 84 -23.06 -16.97 -4.60
CA ASP B 84 -22.04 -17.84 -5.21
C ASP B 84 -21.22 -18.63 -4.17
N CYS B 85 -21.33 -18.25 -2.89
CA CYS B 85 -20.61 -18.88 -1.79
C CYS B 85 -21.37 -19.97 -1.03
N ALA B 86 -22.56 -20.34 -1.52
CA ALA B 86 -23.39 -21.35 -0.83
C ALA B 86 -22.63 -22.67 -0.56
N ASN B 87 -21.91 -23.17 -1.57
CA ASN B 87 -21.19 -24.46 -1.47
C ASN B 87 -19.82 -24.33 -0.77
N GLY B 88 -19.46 -23.12 -0.37
CA GLY B 88 -18.11 -22.83 0.14
C GLY B 88 -17.34 -21.85 -0.75
N TYR B 89 -16.01 -21.92 -0.67
CA TYR B 89 -15.16 -20.88 -1.25
C TYR B 89 -13.68 -21.26 -1.21
N LEU B 90 -12.92 -20.72 -2.16
CA LEU B 90 -11.50 -21.03 -2.32
C LEU B 90 -10.70 -19.77 -2.22
N PHE B 91 -9.96 -19.60 -1.14
CA PHE B 91 -9.06 -18.47 -1.04
C PHE B 91 -7.77 -18.71 -1.83
N ASP B 92 -7.43 -17.76 -2.70
CA ASP B 92 -6.14 -17.76 -3.39
C ASP B 92 -5.45 -16.41 -3.20
N GLY B 93 -4.20 -16.44 -2.72
CA GLY B 93 -3.45 -15.19 -2.43
C GLY B 93 -3.95 -14.55 -1.15
N PHE B 94 -4.68 -15.32 -0.33
CA PHE B 94 -5.15 -14.80 0.95
C PHE B 94 -5.52 -15.91 1.89
N PRO B 95 -5.16 -15.80 3.19
CA PRO B 95 -4.50 -14.73 3.92
C PRO B 95 -3.04 -14.48 3.50
N ARG B 96 -2.51 -13.27 3.69
CA ARG B 96 -1.08 -13.02 3.37
C ARG B 96 -0.12 -13.10 4.55
N THR B 97 -0.63 -12.87 5.78
CA THR B 97 0.18 -12.80 7.00
C THR B 97 -0.45 -13.61 8.08
N ILE B 98 0.28 -13.87 9.17
CA ILE B 98 -0.25 -14.65 10.29
C ILE B 98 -1.41 -13.92 10.97
N ALA B 99 -1.31 -12.61 11.11
CA ALA B 99 -2.38 -11.76 11.67
C ALA B 99 -3.71 -11.91 10.91
N GLN B 100 -3.66 -12.00 9.60
CA GLN B 100 -4.86 -12.21 8.79
C GLN B 100 -5.48 -13.58 9.04
N ALA B 101 -4.61 -14.58 9.23
CA ALA B 101 -5.08 -15.93 9.42
C ALA B 101 -5.71 -16.04 10.80
N ASP B 102 -5.04 -15.45 11.80
CA ASP B 102 -5.58 -15.34 13.19
C ASP B 102 -6.93 -14.62 13.20
N ALA B 103 -6.97 -13.44 12.57
CA ALA B 103 -8.18 -12.62 12.50
C ALA B 103 -9.32 -13.36 11.81
N MSE B 104 -9.02 -14.07 10.72
CA MSE B 104 -9.98 -14.92 10.05
C MSE B 104 -10.55 -15.98 10.98
O MSE B 104 -11.73 -16.32 10.88
CB MSE B 104 -9.36 -15.65 8.84
CG MSE B 104 -9.34 -14.85 7.55
SE MSE B 104 -8.31 -15.81 6.16
CE MSE B 104 -9.37 -17.48 6.15
N LYS B 105 -9.69 -16.53 11.84
CA LYS B 105 -10.14 -17.58 12.77
C LYS B 105 -11.00 -16.95 13.85
N GLU B 106 -10.45 -15.94 14.53
CA GLU B 106 -11.21 -15.15 15.51
C GLU B 106 -12.60 -14.78 14.95
N ALA B 107 -12.62 -14.22 13.73
CA ALA B 107 -13.85 -13.79 13.09
C ALA B 107 -14.74 -14.96 12.69
N GLY B 108 -14.30 -16.17 13.01
CA GLY B 108 -15.13 -17.35 12.79
C GLY B 108 -15.29 -17.75 11.33
N VAL B 109 -14.32 -17.39 10.49
CA VAL B 109 -14.30 -17.86 9.09
C VAL B 109 -13.86 -19.33 9.05
N ALA B 110 -14.68 -20.17 8.44
CA ALA B 110 -14.46 -21.59 8.55
C ALA B 110 -13.61 -22.08 7.38
N ILE B 111 -12.55 -22.81 7.71
CA ILE B 111 -11.71 -23.41 6.72
C ILE B 111 -11.56 -24.88 7.03
N ASP B 112 -11.90 -25.71 6.05
CA ASP B 112 -11.79 -27.18 6.12
C ASP B 112 -10.40 -27.68 5.76
N TYR B 113 -9.83 -27.08 4.72
CA TYR B 113 -8.55 -27.49 4.19
C TYR B 113 -7.61 -26.34 3.87
N VAL B 114 -6.34 -26.53 4.22
CA VAL B 114 -5.23 -25.74 3.74
C VAL B 114 -4.37 -26.64 2.84
N LEU B 115 -4.21 -26.26 1.58
CA LEU B 115 -3.50 -27.05 0.58
C LEU B 115 -2.31 -26.25 0.13
N GLU B 116 -1.11 -26.76 0.42
CA GLU B 116 0.12 -26.17 -0.02
C GLU B 116 0.63 -26.92 -1.24
N ILE B 117 0.65 -26.24 -2.39
CA ILE B 117 1.19 -26.80 -3.63
C ILE B 117 2.68 -26.85 -3.49
N ASP B 118 3.18 -28.07 -3.28
CA ASP B 118 4.55 -28.32 -2.90
C ASP B 118 5.32 -28.70 -4.17
N VAL B 119 6.38 -27.95 -4.46
CA VAL B 119 7.20 -28.13 -5.67
C VAL B 119 8.53 -27.49 -5.35
N PRO B 120 9.63 -28.27 -5.37
CA PRO B 120 10.86 -27.63 -4.91
C PRO B 120 11.28 -26.40 -5.75
N PHE B 121 11.89 -25.43 -5.08
CA PHE B 121 12.29 -24.21 -5.74
C PHE B 121 13.22 -24.51 -6.96
N SER B 122 14.13 -25.48 -6.78
CA SER B 122 15.09 -25.88 -7.83
C SER B 122 14.40 -26.29 -9.12
N GLU B 123 13.32 -27.02 -8.97
CA GLU B 123 12.51 -27.44 -10.08
C GLU B 123 11.74 -26.31 -10.77
N ILE B 124 11.15 -25.40 -10.00
CA ILE B 124 10.41 -24.27 -10.60
C ILE B 124 11.35 -23.51 -11.52
N ILE B 125 12.55 -23.28 -11.01
CA ILE B 125 13.60 -22.54 -11.64
C ILE B 125 14.09 -23.22 -12.92
N GLU B 126 14.39 -24.51 -12.81
CA GLU B 126 14.76 -25.35 -13.96
C GLU B 126 13.65 -25.34 -15.00
N ARG B 127 12.41 -25.39 -14.55
CA ARG B 127 11.29 -25.44 -15.45
C ARG B 127 11.09 -24.13 -16.25
N MSE B 128 11.02 -23.01 -15.54
CA MSE B 128 10.81 -21.72 -16.16
C MSE B 128 12.05 -21.23 -16.92
O MSE B 128 11.93 -20.68 -18.01
CB MSE B 128 10.31 -20.69 -15.14
CG MSE B 128 8.88 -20.98 -14.64
SE MSE B 128 8.34 -19.80 -13.15
CE MSE B 128 7.31 -18.43 -14.23
N SER B 129 13.24 -21.47 -16.40
CA SER B 129 14.41 -20.86 -17.01
C SER B 129 14.81 -21.57 -18.27
N GLY B 130 14.21 -22.72 -18.57
CA GLY B 130 14.51 -23.50 -19.76
C GLY B 130 13.62 -23.18 -20.94
N ARG B 131 12.60 -22.36 -20.72
CA ARG B 131 11.67 -22.02 -21.78
C ARG B 131 12.32 -21.08 -22.80
N ARG B 132 12.08 -21.33 -24.07
CA ARG B 132 12.53 -20.46 -25.13
C ARG B 132 11.40 -20.23 -26.11
N THR B 133 11.45 -19.15 -26.84
CA THR B 133 10.50 -19.06 -27.91
C THR B 133 11.18 -18.50 -29.14
N HIS B 134 10.50 -18.67 -30.28
CA HIS B 134 10.78 -18.00 -31.52
C HIS B 134 9.69 -16.92 -31.77
N PRO B 135 9.96 -15.64 -31.46
CA PRO B 135 8.84 -14.70 -31.40
C PRO B 135 8.02 -14.57 -32.69
N ALA B 136 8.65 -14.63 -33.87
CA ALA B 136 7.94 -14.39 -35.16
C ALA B 136 6.77 -15.37 -35.40
N SER B 137 6.96 -16.65 -35.04
CA SER B 137 5.95 -17.71 -35.18
C SER B 137 5.19 -18.09 -33.89
N GLY B 138 5.73 -17.75 -32.73
CA GLY B 138 5.16 -18.19 -31.46
C GLY B 138 5.59 -19.59 -31.06
N ARG B 139 6.35 -20.30 -31.89
CA ARG B 139 6.78 -21.66 -31.52
C ARG B 139 7.56 -21.62 -30.22
N THR B 140 7.33 -22.62 -29.36
CA THR B 140 8.04 -22.71 -28.08
C THR B 140 8.87 -23.95 -27.99
N TYR B 141 9.90 -23.90 -27.13
CA TYR B 141 10.83 -24.99 -26.92
C TYR B 141 11.19 -25.00 -25.43
N HIS B 142 11.67 -26.12 -24.94
CA HIS B 142 12.26 -26.16 -23.62
C HIS B 142 13.55 -26.96 -23.75
N VAL B 143 14.64 -26.35 -23.29
CA VAL B 143 15.99 -26.89 -23.37
C VAL B 143 16.12 -28.34 -22.93
N LYS B 144 15.32 -28.72 -21.93
CA LYS B 144 15.35 -30.08 -21.39
C LYS B 144 14.18 -30.92 -21.87
N PHE B 145 12.98 -30.45 -21.69
CA PHE B 145 11.81 -31.24 -22.01
C PHE B 145 11.37 -31.22 -23.47
N ASN B 146 11.94 -30.34 -24.29
CA ASN B 146 11.46 -30.14 -25.67
C ASN B 146 12.47 -29.30 -26.47
N PRO B 147 13.69 -29.84 -26.65
CA PRO B 147 14.73 -28.96 -27.12
C PRO B 147 14.62 -28.68 -28.61
N PRO B 148 15.22 -27.58 -29.05
CA PRO B 148 15.34 -27.34 -30.47
C PRO B 148 16.34 -28.36 -31.06
N LYS B 149 16.10 -28.77 -32.30
CA LYS B 149 17.01 -29.67 -33.01
C LYS B 149 18.40 -29.06 -33.04
N VAL B 150 18.52 -27.74 -33.16
CA VAL B 150 19.81 -27.06 -33.03
C VAL B 150 19.76 -26.04 -31.91
N GLU B 151 20.64 -26.18 -30.90
CA GLU B 151 20.67 -25.29 -29.72
C GLU B 151 20.58 -23.83 -30.12
N GLY B 152 19.74 -23.05 -29.43
CA GLY B 152 19.62 -21.62 -29.71
C GLY B 152 18.80 -21.24 -30.95
N LYS B 153 18.35 -22.20 -31.76
CA LYS B 153 17.67 -21.84 -33.03
C LYS B 153 16.31 -22.48 -33.21
N ASP B 154 15.45 -21.80 -33.95
CA ASP B 154 14.14 -22.33 -34.28
C ASP B 154 14.32 -23.40 -35.33
N ASP B 155 13.64 -24.54 -35.18
CA ASP B 155 13.71 -25.67 -36.09
C ASP B 155 13.34 -25.35 -37.55
N VAL B 156 12.32 -24.53 -37.72
CA VAL B 156 11.74 -24.31 -39.04
C VAL B 156 12.51 -23.31 -39.82
N THR B 157 12.93 -22.25 -39.14
CA THR B 157 13.57 -21.14 -39.79
C THR B 157 15.07 -21.01 -39.49
N GLY B 158 15.58 -21.68 -38.47
CA GLY B 158 16.96 -21.43 -38.04
C GLY B 158 17.22 -20.09 -37.35
N GLU B 159 16.20 -19.28 -37.16
CA GLU B 159 16.38 -17.96 -36.52
C GLU B 159 16.59 -18.06 -35.00
N PRO B 160 17.19 -17.02 -34.39
CA PRO B 160 17.49 -17.11 -32.98
C PRO B 160 16.27 -17.28 -32.04
N LEU B 161 16.43 -18.16 -31.08
CA LEU B 161 15.47 -18.30 -29.99
C LEU B 161 15.73 -17.25 -28.92
N VAL B 162 14.69 -16.88 -28.18
CA VAL B 162 14.84 -16.00 -27.01
C VAL B 162 14.27 -16.59 -25.72
N GLN B 163 14.62 -15.94 -24.61
CA GLN B 163 14.18 -16.23 -23.27
C GLN B 163 13.58 -14.94 -22.69
N ARG B 164 12.38 -15.03 -22.10
CA ARG B 164 11.82 -13.88 -21.42
C ARG B 164 12.65 -13.48 -20.21
N ASP B 165 12.78 -12.18 -20.00
CA ASP B 165 13.50 -11.69 -18.87
C ASP B 165 12.88 -12.23 -17.56
N ASP B 166 11.55 -12.34 -17.49
CA ASP B 166 10.86 -12.81 -16.25
C ASP B 166 11.16 -14.26 -15.92
N ASP B 167 11.62 -15.04 -16.91
CA ASP B 167 11.89 -16.46 -16.77
C ASP B 167 13.31 -16.76 -16.36
N LYS B 168 14.13 -15.73 -16.29
CA LYS B 168 15.54 -15.92 -16.05
C LYS B 168 15.76 -16.50 -14.66
N GLU B 169 16.72 -17.42 -14.58
CA GLU B 169 17.12 -18.07 -13.33
C GLU B 169 17.15 -17.13 -12.11
N GLU B 170 17.93 -16.07 -12.15
CA GLU B 170 18.06 -15.18 -10.99
C GLU B 170 16.77 -14.40 -10.68
N THR B 171 15.90 -14.26 -11.66
CA THR B 171 14.66 -13.52 -11.46
C THR B 171 13.63 -14.39 -10.80
N VAL B 172 13.50 -15.60 -11.31
CA VAL B 172 12.63 -16.57 -10.70
C VAL B 172 13.07 -16.81 -9.25
N LYS B 173 14.36 -17.05 -9.04
CA LYS B 173 14.92 -17.20 -7.68
C LYS B 173 14.50 -16.05 -6.72
N LYS B 174 14.54 -14.80 -7.19
CA LYS B 174 14.17 -13.66 -6.34
C LYS B 174 12.67 -13.70 -5.99
N ARG B 175 11.80 -14.07 -6.94
CA ARG B 175 10.38 -14.23 -6.66
C ARG B 175 10.17 -15.33 -5.65
N LEU B 176 10.93 -16.41 -5.77
CA LEU B 176 10.75 -17.51 -4.82
C LEU B 176 11.23 -17.14 -3.41
N ASP B 177 12.33 -16.39 -3.28
CA ASP B 177 12.81 -15.90 -1.98
C ASP B 177 11.75 -15.02 -1.34
N VAL B 178 11.33 -14.00 -2.10
CA VAL B 178 10.29 -13.06 -1.66
C VAL B 178 9.07 -13.81 -1.22
N TYR B 179 8.68 -14.84 -1.97
CA TYR B 179 7.58 -15.71 -1.56
C TYR B 179 7.82 -16.46 -0.25
N GLU B 180 8.88 -17.25 -0.17
CA GLU B 180 9.27 -17.95 1.05
C GLU B 180 9.11 -17.10 2.31
N ALA B 181 9.71 -15.91 2.35
CA ALA B 181 9.65 -15.07 3.53
C ALA B 181 8.23 -14.58 3.84
N GLN B 182 7.48 -14.25 2.80
CA GLN B 182 6.08 -13.81 2.95
C GLN B 182 5.14 -14.92 3.40
N THR B 183 5.43 -16.19 3.10
CA THR B 183 4.40 -17.24 3.20
C THR B 183 4.67 -18.48 4.06
N LYS B 184 5.92 -18.85 4.29
CA LYS B 184 6.21 -20.02 5.17
C LYS B 184 5.70 -19.87 6.64
N PRO B 185 5.71 -18.66 7.19
CA PRO B 185 4.98 -18.45 8.46
C PRO B 185 3.49 -18.87 8.42
N LEU B 186 2.79 -18.59 7.32
CA LEU B 186 1.44 -19.09 7.16
C LEU B 186 1.46 -20.58 7.04
N ILE B 187 2.42 -21.10 6.28
CA ILE B 187 2.61 -22.55 6.20
C ILE B 187 2.79 -23.16 7.60
N THR B 188 3.66 -22.56 8.40
CA THR B 188 3.89 -23.05 9.78
C THR B 188 2.62 -22.91 10.63
N TYR B 189 1.97 -21.75 10.53
CA TYR B 189 0.71 -21.47 11.25
C TYR B 189 -0.37 -22.51 11.03
N TYR B 190 -0.69 -22.78 9.76
CA TYR B 190 -1.78 -23.74 9.47
C TYR B 190 -1.30 -25.16 9.76
N GLY B 191 -0.03 -25.43 9.45
CA GLY B 191 0.66 -26.63 9.90
C GLY B 191 0.45 -26.93 11.37
N ASP B 192 0.85 -26.01 12.25
CA ASP B 192 0.67 -26.20 13.70
C ASP B 192 -0.76 -26.38 14.14
N TRP B 193 -1.66 -25.58 13.58
CA TRP B 193 -3.07 -25.68 13.96
C TRP B 193 -3.63 -27.08 13.63
N ALA B 194 -3.41 -27.55 12.40
CA ALA B 194 -3.95 -28.86 11.98
C ALA B 194 -3.36 -29.98 12.82
N ARG B 195 -2.10 -29.80 13.23
CA ARG B 195 -1.40 -30.78 14.09
C ARG B 195 -1.89 -30.65 15.52
N ARG B 196 -1.77 -29.44 16.10
CA ARG B 196 -2.25 -29.19 17.47
C ARG B 196 -3.76 -29.38 17.57
N GLY B 197 -4.35 -29.97 16.53
CA GLY B 197 -5.53 -30.82 16.69
C GLY B 197 -6.87 -30.15 16.55
N ALA B 198 -7.44 -29.74 17.69
CA ALA B 198 -8.74 -29.06 17.70
C ALA B 198 -8.69 -27.75 16.90
N LYS B 203 -13.10 -24.88 15.06
CA LYS B 203 -12.82 -26.27 14.70
C LYS B 203 -11.35 -26.41 14.30
N ALA B 204 -11.06 -27.06 13.18
CA ALA B 204 -9.68 -27.21 12.70
C ALA B 204 -9.58 -27.68 11.24
N PRO B 205 -8.76 -26.98 10.43
CA PRO B 205 -8.55 -27.35 9.03
C PRO B 205 -7.54 -28.49 8.92
N ALA B 206 -7.67 -29.29 7.87
CA ALA B 206 -6.68 -30.32 7.55
C ALA B 206 -5.64 -29.72 6.61
N TYR B 207 -4.38 -30.13 6.78
CA TYR B 207 -3.25 -29.57 6.04
C TYR B 207 -2.63 -30.64 5.14
N ARG B 208 -2.69 -30.42 3.82
CA ARG B 208 -2.24 -31.37 2.81
C ARG B 208 -1.26 -30.71 1.83
N LYS B 209 0.00 -31.16 1.84
CA LYS B 209 0.99 -30.79 0.81
C LYS B 209 0.67 -31.53 -0.48
N ILE B 210 0.66 -30.80 -1.60
CA ILE B 210 0.34 -31.36 -2.94
C ILE B 210 1.44 -31.07 -3.96
N SER B 211 1.72 -32.04 -4.81
CA SER B 211 2.71 -31.90 -5.86
C SER B 211 2.30 -32.80 -7.01
S SO4 C . -4.09 21.03 7.98
O1 SO4 C . -2.81 20.70 7.36
O2 SO4 C . -4.95 19.85 7.98
O3 SO4 C . -3.82 21.48 9.35
O4 SO4 C . -4.71 22.11 7.23
S SO4 D . -9.66 22.11 10.79
O1 SO4 D . -9.78 22.26 9.34
O2 SO4 D . -10.54 21.01 11.20
O3 SO4 D . -8.29 21.75 11.11
O4 SO4 D . -10.03 23.35 11.46
S SO4 E . 1.05 -20.50 -10.61
O1 SO4 E . 2.07 -21.46 -11.02
O2 SO4 E . 0.80 -20.70 -9.19
O3 SO4 E . 1.55 -19.15 -10.79
O4 SO4 E . -0.18 -20.69 -11.38
S SO4 F . 3.58 -19.79 -16.14
O1 SO4 F . 3.62 -21.08 -16.86
O2 SO4 F . 3.75 -20.04 -14.69
O3 SO4 F . 4.67 -18.92 -16.59
O4 SO4 F . 2.28 -19.15 -16.42
#